data_6FFD
#
_entry.id   6FFD
#
_cell.length_a   33.310
_cell.length_b   57.150
_cell.length_c   73.590
_cell.angle_alpha   90.00
_cell.angle_beta   90.00
_cell.angle_gamma   90.00
#
_symmetry.space_group_name_H-M   'P 2 21 21'
#
loop_
_entity.id
_entity.type
_entity.pdbx_description
1 polymer 'Bromodomain-containing protein 4'
2 non-polymer 1-(4-(3-methylbenzyl)-3,4-dihydroquinoxalin-1(2H)-yl)ethanone
3 water water
#
_entity_poly.entity_id   1
_entity_poly.type   'polypeptide(L)'
_entity_poly.pdbx_seq_one_letter_code
;SSKVSEQLKCCSGILKEMFAKKHAAYAWPFYKPVDVEALGLHDYCDIIKHPMDMSTIKSKLEAREYRDAQEFGADVRLMF
SNCYKYNPPDHEVVAMARKLQDVFEMRFAKMPDEPEE
;
_entity_poly.pdbx_strand_id   A
#
loop_
_chem_comp.id
_chem_comp.type
_chem_comp.name
_chem_comp.formula
D7T non-polymer 1-(4-(3-methylbenzyl)-3,4-dihydroquinoxalin-1(2H)-yl)ethanone 'C18 H20 N2 O'
#
# COMPACT_ATOMS: atom_id res chain seq x y z
N SER A 1 -13.77 18.25 10.61
CA SER A 1 -13.97 19.44 9.73
C SER A 1 -12.69 20.27 9.61
N SER A 2 -11.69 19.71 8.95
CA SER A 2 -10.44 20.41 8.61
C SER A 2 -9.84 19.90 7.29
N LYS A 3 -8.85 20.62 6.78
CA LYS A 3 -8.17 20.25 5.54
C LYS A 3 -7.52 18.87 5.69
N VAL A 4 -6.78 18.68 6.79
CA VAL A 4 -6.08 17.42 7.03
C VAL A 4 -7.03 16.24 7.25
N SER A 5 -8.13 16.46 7.98
CA SER A 5 -9.09 15.39 8.24
C SER A 5 -9.85 14.96 6.97
N GLU A 6 -10.13 15.91 6.07
CA GLU A 6 -10.78 15.60 4.78
C GLU A 6 -9.85 14.76 3.88
N GLN A 7 -8.59 15.17 3.77
CA GLN A 7 -7.57 14.39 3.04
C GLN A 7 -7.34 12.99 3.58
N LEU A 8 -7.43 12.81 4.90
CA LEU A 8 -7.33 11.48 5.50
C LEU A 8 -8.56 10.61 5.20
N LYS A 9 -9.73 11.23 5.07
CA LYS A 9 -10.94 10.53 4.59
C LYS A 9 -10.75 10.05 3.14
N CYS A 10 -10.14 10.91 2.30
CA CYS A 10 -9.82 10.55 0.92
CA CYS A 10 -9.85 10.51 0.93
C CYS A 10 -8.87 9.35 0.88
N CYS A 11 -7.85 9.38 1.75
CA CYS A 11 -6.90 8.26 1.88
C CYS A 11 -7.63 6.96 2.18
N SER A 12 -8.59 7.02 3.11
CA SER A 12 -9.38 5.84 3.43
CA SER A 12 -9.40 5.84 3.43
C SER A 12 -10.17 5.35 2.22
N GLY A 13 -10.71 6.30 1.43
CA GLY A 13 -11.41 5.99 0.18
C GLY A 13 -10.49 5.37 -0.87
N ILE A 14 -9.27 5.89 -0.96
CA ILE A 14 -8.29 5.36 -1.90
C ILE A 14 -7.96 3.91 -1.52
N LEU A 15 -7.72 3.66 -0.24
CA LEU A 15 -7.35 2.33 0.20
C LEU A 15 -8.52 1.37 0.00
N LYS A 16 -9.75 1.85 0.24
CA LYS A 16 -10.93 1.04 0.00
C LYS A 16 -10.99 0.61 -1.47
N GLU A 17 -10.70 1.53 -2.39
CA GLU A 17 -10.68 1.16 -3.80
C GLU A 17 -9.63 0.08 -4.09
N MET A 18 -8.44 0.24 -3.51
CA MET A 18 -7.35 -0.73 -3.67
C MET A 18 -7.72 -2.15 -3.23
N PHE A 19 -8.57 -2.24 -2.19
CA PHE A 19 -9.15 -3.49 -1.69
C PHE A 19 -10.35 -4.02 -2.51
N ALA A 20 -10.83 -3.24 -3.48
CA ALA A 20 -12.04 -3.57 -4.23
C ALA A 20 -11.85 -4.72 -5.22
N LYS A 21 -12.95 -5.43 -5.52
CA LYS A 21 -12.96 -6.52 -6.49
C LYS A 21 -12.38 -6.08 -7.84
N LYS A 22 -12.65 -4.84 -8.23
CA LYS A 22 -12.14 -4.29 -9.48
C LYS A 22 -10.63 -4.49 -9.70
N HIS A 23 -9.85 -4.37 -8.62
CA HIS A 23 -8.38 -4.42 -8.73
C HIS A 23 -7.80 -5.71 -8.16
N ALA A 24 -8.67 -6.60 -7.67
CA ALA A 24 -8.27 -7.80 -6.94
C ALA A 24 -7.27 -8.70 -7.67
N ALA A 25 -7.36 -8.72 -9.01
CA ALA A 25 -6.46 -9.53 -9.82
C ALA A 25 -4.98 -9.24 -9.58
N TYR A 26 -4.64 -7.98 -9.31
CA TYR A 26 -3.23 -7.59 -9.11
C TYR A 26 -2.95 -7.02 -7.69
N ALA A 27 -4.00 -6.71 -6.95
CA ALA A 27 -3.85 -6.19 -5.60
C ALA A 27 -3.64 -7.27 -4.53
N TRP A 28 -4.09 -8.51 -4.77
CA TRP A 28 -4.16 -9.53 -3.71
C TRP A 28 -2.86 -9.80 -2.93
N PRO A 29 -1.68 -9.73 -3.58
CA PRO A 29 -0.47 -9.99 -2.78
C PRO A 29 -0.18 -8.94 -1.71
N PHE A 30 -0.79 -7.75 -1.86
CA PHE A 30 -0.53 -6.62 -0.98
C PHE A 30 -1.56 -6.50 0.16
N TYR A 31 -2.56 -7.39 0.17
CA TYR A 31 -3.62 -7.38 1.18
C TYR A 31 -3.11 -7.53 2.63
N LYS A 32 -2.23 -8.50 2.85
CA LYS A 32 -1.78 -8.90 4.18
C LYS A 32 -0.25 -8.94 4.20
N PRO A 33 0.36 -8.99 5.41
CA PRO A 33 1.82 -8.98 5.48
C PRO A 33 2.44 -10.12 4.69
N VAL A 34 3.62 -9.87 4.11
CA VAL A 34 4.36 -10.93 3.45
C VAL A 34 4.56 -12.05 4.48
N ASP A 35 4.20 -13.27 4.11
CA ASP A 35 4.32 -14.43 4.99
C ASP A 35 5.75 -14.92 4.90
N VAL A 36 6.58 -14.46 5.83
CA VAL A 36 8.00 -14.81 5.81
C VAL A 36 8.28 -16.28 6.18
N GLU A 37 7.23 -17.03 6.54
CA GLU A 37 7.32 -18.47 6.73
C GLU A 37 7.12 -19.27 5.42
N ALA A 38 6.77 -18.58 4.33
CA ALA A 38 6.51 -19.27 3.08
C ALA A 38 7.82 -19.67 2.43
N LEU A 39 7.78 -20.79 1.73
CA LEU A 39 8.95 -21.31 1.03
C LEU A 39 9.42 -20.27 0.03
N GLY A 40 10.72 -19.97 0.07
CA GLY A 40 11.32 -18.97 -0.82
C GLY A 40 11.46 -17.59 -0.21
N LEU A 41 10.76 -17.34 0.91
CA LEU A 41 10.78 -16.03 1.59
C LEU A 41 11.60 -15.98 2.89
N HIS A 42 12.39 -17.03 3.16
CA HIS A 42 13.23 -17.11 4.37
C HIS A 42 14.16 -15.90 4.54
N ASP A 43 14.52 -15.24 3.45
CA ASP A 43 15.41 -14.10 3.50
C ASP A 43 14.70 -12.75 3.46
N TYR A 44 13.37 -12.73 3.47
CA TYR A 44 12.62 -11.47 3.27
C TYR A 44 13.02 -10.42 4.29
N CYS A 45 13.03 -10.80 5.56
CA CYS A 45 13.38 -9.91 6.66
C CYS A 45 14.87 -9.50 6.67
N ASP A 46 15.74 -10.29 6.05
CA ASP A 46 17.13 -9.88 5.86
C ASP A 46 17.23 -8.67 4.93
N ILE A 47 16.38 -8.64 3.91
CA ILE A 47 16.45 -7.64 2.86
C ILE A 47 15.49 -6.47 3.13
N ILE A 48 14.30 -6.78 3.63
CA ILE A 48 13.28 -5.77 3.88
C ILE A 48 13.24 -5.41 5.36
N LYS A 49 13.72 -4.19 5.67
CA LYS A 49 13.80 -3.70 7.05
C LYS A 49 12.45 -3.27 7.62
N HIS A 50 11.58 -2.70 6.77
CA HIS A 50 10.29 -2.15 7.22
C HIS A 50 9.15 -2.70 6.35
N PRO A 51 8.64 -3.89 6.69
CA PRO A 51 7.55 -4.46 5.90
C PRO A 51 6.26 -3.65 6.01
N MET A 52 5.50 -3.59 4.93
CA MET A 52 4.23 -2.88 4.96
C MET A 52 3.27 -3.54 3.99
N ASP A 53 2.00 -3.49 4.36
CA ASP A 53 0.91 -4.05 3.57
C ASP A 53 -0.38 -3.26 3.79
N MET A 54 -1.39 -3.54 2.97
CA MET A 54 -2.64 -2.77 2.99
C MET A 54 -3.50 -2.93 4.27
N SER A 55 -3.59 -4.14 4.82
CA SER A 55 -4.27 -4.38 6.13
C SER A 55 -3.63 -3.60 7.28
N THR A 56 -2.29 -3.54 7.28
CA THR A 56 -1.55 -2.73 8.25
C THR A 56 -1.82 -1.22 8.05
N ILE A 57 -1.83 -0.76 6.81
CA ILE A 57 -2.16 0.65 6.50
C ILE A 57 -3.61 0.96 6.93
N LYS A 58 -4.52 0.01 6.71
CA LYS A 58 -5.93 0.20 7.10
C LYS A 58 -6.08 0.32 8.62
N SER A 59 -5.35 -0.52 9.34
CA SER A 59 -5.34 -0.46 10.80
C SER A 59 -4.70 0.82 11.30
N LYS A 60 -3.66 1.29 10.63
CA LYS A 60 -3.02 2.56 10.99
C LYS A 60 -3.93 3.77 10.74
N LEU A 61 -4.66 3.76 9.63
CA LEU A 61 -5.67 4.80 9.38
C LEU A 61 -6.75 4.79 10.46
N GLU A 62 -7.28 3.60 10.76
CA GLU A 62 -8.35 3.45 11.74
C GLU A 62 -7.92 3.77 13.18
N ALA A 63 -6.65 3.56 13.49
CA ALA A 63 -6.07 3.99 14.76
C ALA A 63 -5.48 5.41 14.70
N ARG A 64 -5.77 6.14 13.62
CA ARG A 64 -5.35 7.53 13.44
C ARG A 64 -3.84 7.79 13.61
N GLU A 65 -3.03 6.82 13.21
CA GLU A 65 -1.57 6.91 13.31
C GLU A 65 -0.92 7.75 12.20
N TYR A 66 -1.70 8.19 11.21
CA TYR A 66 -1.17 9.05 10.14
C TYR A 66 -1.58 10.48 10.46
N ARG A 67 -0.59 11.35 10.62
CA ARG A 67 -0.86 12.76 10.88
C ARG A 67 -1.51 13.42 9.68
N ASP A 68 -1.18 12.93 8.48
CA ASP A 68 -1.70 13.53 7.27
C ASP A 68 -1.62 12.55 6.11
N ALA A 69 -2.10 12.99 4.94
CA ALA A 69 -2.09 12.17 3.74
C ALA A 69 -0.67 11.81 3.29
N GLN A 70 0.29 12.73 3.46
CA GLN A 70 1.68 12.44 3.12
C GLN A 70 2.23 11.22 3.87
N GLU A 71 1.86 11.06 5.14
CA GLU A 71 2.29 9.91 5.94
C GLU A 71 1.65 8.60 5.49
N PHE A 72 0.35 8.64 5.22
CA PHE A 72 -0.35 7.52 4.57
C PHE A 72 0.33 7.16 3.25
N GLY A 73 0.58 8.18 2.42
CA GLY A 73 1.26 8.01 1.13
C GLY A 73 2.62 7.33 1.24
N ALA A 74 3.40 7.73 2.25
CA ALA A 74 4.72 7.14 2.48
C ALA A 74 4.62 5.64 2.79
N ASP A 75 3.61 5.22 3.54
CA ASP A 75 3.40 3.80 3.83
C ASP A 75 2.94 3.01 2.61
N VAL A 76 2.10 3.61 1.76
CA VAL A 76 1.72 2.94 0.51
C VAL A 76 2.95 2.78 -0.37
N ARG A 77 3.77 3.82 -0.48
CA ARG A 77 4.95 3.73 -1.33
C ARG A 77 6.03 2.82 -0.74
N LEU A 78 6.07 2.69 0.58
CA LEU A 78 6.98 1.75 1.24
C LEU A 78 6.64 0.33 0.80
N MET A 79 5.34 -0.01 0.88
CA MET A 79 4.82 -1.30 0.45
C MET A 79 5.27 -1.64 -0.97
N PHE A 80 5.14 -0.67 -1.88
CA PHE A 80 5.53 -0.92 -3.26
C PHE A 80 7.04 -1.04 -3.38
N SER A 81 7.78 -0.10 -2.79
CA SER A 81 9.25 -0.13 -2.82
C SER A 81 9.82 -1.44 -2.23
N ASN A 82 9.21 -1.97 -1.17
CA ASN A 82 9.61 -3.28 -0.63
C ASN A 82 9.51 -4.37 -1.69
N CYS A 83 8.41 -4.33 -2.44
CA CYS A 83 8.17 -5.29 -3.49
C CYS A 83 9.21 -5.16 -4.59
N TYR A 84 9.48 -3.93 -5.02
CA TYR A 84 10.49 -3.70 -6.08
C TYR A 84 11.90 -4.07 -5.62
N LYS A 85 12.19 -3.85 -4.35
CA LYS A 85 13.52 -4.15 -3.79
C LYS A 85 13.76 -5.66 -3.70
N TYR A 86 12.77 -6.38 -3.17
CA TYR A 86 12.95 -7.77 -2.80
C TYR A 86 12.88 -8.73 -3.97
N ASN A 87 11.90 -8.55 -4.85
CA ASN A 87 11.63 -9.52 -5.88
C ASN A 87 12.48 -9.28 -7.13
N PRO A 88 12.72 -10.34 -7.94
CA PRO A 88 13.40 -10.12 -9.23
C PRO A 88 12.57 -9.19 -10.14
N PRO A 89 13.23 -8.28 -10.88
CA PRO A 89 12.47 -7.25 -11.63
C PRO A 89 11.51 -7.81 -12.69
N ASP A 90 11.72 -9.05 -13.11
CA ASP A 90 10.84 -9.75 -14.05
C ASP A 90 9.75 -10.62 -13.39
N HIS A 91 9.69 -10.64 -12.06
CA HIS A 91 8.68 -11.42 -11.34
C HIS A 91 7.27 -10.81 -11.54
N GLU A 92 6.25 -11.64 -11.69
CA GLU A 92 4.89 -11.13 -11.96
C GLU A 92 4.35 -10.20 -10.87
N VAL A 93 4.79 -10.38 -9.64
CA VAL A 93 4.35 -9.57 -8.51
C VAL A 93 4.81 -8.12 -8.66
N VAL A 94 5.93 -7.92 -9.36
CA VAL A 94 6.40 -6.57 -9.68
C VAL A 94 5.45 -5.89 -10.67
N ALA A 95 5.02 -6.63 -11.70
CA ALA A 95 4.03 -6.10 -12.64
C ALA A 95 2.72 -5.76 -11.93
N MET A 96 2.31 -6.62 -11.00
CA MET A 96 1.10 -6.41 -10.21
C MET A 96 1.21 -5.17 -9.32
N ALA A 97 2.36 -4.99 -8.69
CA ALA A 97 2.63 -3.81 -7.88
C ALA A 97 2.51 -2.53 -8.71
N ARG A 98 3.09 -2.52 -9.90
CA ARG A 98 3.00 -1.36 -10.77
C ARG A 98 1.57 -1.02 -11.17
N LYS A 99 0.75 -2.05 -11.38
CA LYS A 99 -0.65 -1.87 -11.76
C LYS A 99 -1.43 -1.25 -10.63
N LEU A 100 -1.22 -1.74 -9.42
CA LEU A 100 -1.83 -1.16 -8.25
C LEU A 100 -1.29 0.24 -7.92
N GLN A 101 0.01 0.45 -8.08
CA GLN A 101 0.61 1.76 -7.86
C GLN A 101 0.04 2.80 -8.82
N ASP A 102 -0.21 2.41 -10.08
CA ASP A 102 -0.85 3.31 -11.06
C ASP A 102 -2.22 3.78 -10.56
N VAL A 103 -3.01 2.87 -9.98
CA VAL A 103 -4.30 3.24 -9.34
C VAL A 103 -4.09 4.21 -8.18
N PHE A 104 -3.20 3.83 -7.25
CA PHE A 104 -2.90 4.68 -6.13
C PHE A 104 -2.42 6.08 -6.53
N GLU A 105 -1.45 6.15 -7.44
CA GLU A 105 -0.80 7.44 -7.76
C GLU A 105 -1.76 8.42 -8.43
N MET A 106 -2.69 7.88 -9.21
CA MET A 106 -3.68 8.70 -9.91
C MET A 106 -4.68 9.28 -8.89
N ARG A 107 -5.16 8.46 -7.96
CA ARG A 107 -6.08 8.95 -6.93
C ARG A 107 -5.41 9.90 -5.96
N PHE A 108 -4.22 9.52 -5.50
CA PHE A 108 -3.46 10.34 -4.57
C PHE A 108 -3.13 11.72 -5.16
N ALA A 109 -2.82 11.76 -6.44
CA ALA A 109 -2.47 13.01 -7.13
C ALA A 109 -3.67 13.96 -7.22
N LYS A 110 -4.87 13.40 -7.30
CA LYS A 110 -6.08 14.19 -7.55
C LYS A 110 -6.89 14.37 -6.28
N MET A 111 -6.22 14.31 -5.15
CA MET A 111 -6.84 14.54 -3.87
C MET A 111 -7.16 16.04 -3.80
N PRO A 112 -8.35 16.41 -3.26
CA PRO A 112 -8.77 17.81 -3.35
C PRO A 112 -7.94 18.79 -2.52
N ASP A 113 -8.01 20.08 -2.90
CA ASP A 113 -7.41 21.17 -2.14
C ASP A 113 -8.47 21.82 -1.26
N1 D7T B . 5.08 -13.37 -3.62
C4 D7T B . 5.02 -14.68 -4.26
C5 D7T B . 4.21 -14.77 -5.53
C6 D7T B . 4.15 -15.94 -6.25
C7 D7T B . 3.37 -16.04 -7.39
C8 D7T B . 2.64 -14.94 -7.81
C10 D7T B . 1.92 -12.54 -7.60
C13 D7T B . 2.85 -13.61 -2.61
C15 D7T B . 2.08 -12.07 -0.93
C17 D7T B . 4.21 -11.70 -1.98
O D7T B . 6.65 -9.11 -2.34
C1 D7T B . 5.55 -9.61 -2.25
C D7T B . 4.31 -8.76 -2.24
N D7T B . 5.40 -10.97 -2.17
C16 D7T B . 3.24 -11.32 -1.06
C14 D7T B . 1.88 -13.20 -1.69
C12 D7T B . 4.03 -12.87 -2.74
C3 D7T B . 6.40 -12.73 -3.58
C2 D7T B . 6.56 -11.86 -2.36
C11 D7T B . 3.48 -13.67 -5.99
C9 D7T B . 2.70 -13.73 -7.13
#